data_3WUU
#
_entry.id   3WUU
#
_cell.length_a   53.252
_cell.length_b   104.795
_cell.length_c   131.803
_cell.angle_alpha   90.00
_cell.angle_beta   90.00
_cell.angle_gamma   90.00
#
_symmetry.space_group_name_H-M   'P 2 21 21'
#
loop_
_entity.id
_entity.type
_entity.pdbx_description
1 polymer 'Centrosomal protein of 55 kDa'
2 polymer TEX-14
3 water water
#
loop_
_entity_poly.entity_id
_entity_poly.type
_entity_poly.pdbx_seq_one_letter_code
_entity_poly.pdbx_strand_id
1 'polypeptide(L)' GAMGSFNSSINNIHEMEIQLKDALEKNQQWLVYDQQREVYVKGLLAKIFELEKKTETAAHSLP A,B,D,E,G,H,J,K
2 'polypeptide(L)' DLAVGPPSLNYPGY C,F,I,L
#
# COMPACT_ATOMS: atom_id res chain seq x y z
N ALA A 2 50.04 -22.61 5.15
CA ALA A 2 51.06 -21.73 4.59
C ALA A 2 50.93 -20.32 5.14
N MET A 3 51.94 -19.49 4.89
CA MET A 3 51.92 -18.10 5.33
C MET A 3 51.12 -17.22 4.37
N GLY A 4 50.84 -17.75 3.18
CA GLY A 4 50.01 -17.06 2.21
C GLY A 4 48.55 -17.27 2.52
N SER A 5 48.21 -18.48 2.97
CA SER A 5 46.85 -18.80 3.37
C SER A 5 46.47 -18.03 4.63
N PHE A 6 47.47 -17.72 5.46
CA PHE A 6 47.27 -16.91 6.66
C PHE A 6 46.94 -15.47 6.29
N ASN A 7 47.66 -14.94 5.30
CA ASN A 7 47.46 -13.56 4.87
C ASN A 7 46.10 -13.36 4.21
N SER A 8 45.67 -14.34 3.43
CA SER A 8 44.38 -14.27 2.74
C SER A 8 43.23 -14.32 3.74
N SER A 9 43.34 -15.23 4.71
CA SER A 9 42.31 -15.44 5.71
C SER A 9 42.10 -14.20 6.58
N ILE A 10 43.12 -13.36 6.67
CA ILE A 10 43.02 -12.10 7.39
C ILE A 10 42.13 -11.11 6.63
N ASN A 11 42.24 -11.11 5.31
CA ASN A 11 41.49 -10.17 4.47
C ASN A 11 39.96 -10.41 4.43
N ASN A 12 39.55 -11.67 4.60
CA ASN A 12 38.14 -12.02 4.70
C ASN A 12 37.53 -11.35 5.91
N ILE A 13 38.25 -11.50 7.01
CA ILE A 13 37.91 -10.91 8.30
C ILE A 13 37.74 -9.39 8.19
N HIS A 14 38.41 -8.78 7.21
CA HIS A 14 38.17 -7.38 6.86
C HIS A 14 36.84 -7.23 6.11
N GLU A 15 36.55 -8.16 5.20
CA GLU A 15 35.29 -8.18 4.46
C GLU A 15 34.10 -8.47 5.37
N MET A 16 34.34 -9.35 6.35
CA MET A 16 33.33 -9.75 7.34
C MET A 16 32.82 -8.55 8.12
N GLU A 17 33.75 -7.69 8.52
CA GLU A 17 33.41 -6.49 9.26
C GLU A 17 32.54 -5.62 8.37
N ILE A 18 32.93 -5.49 7.10
CA ILE A 18 32.20 -4.72 6.12
C ILE A 18 30.78 -5.26 5.93
N GLN A 19 30.68 -6.59 5.88
CA GLN A 19 29.41 -7.27 5.71
C GLN A 19 28.50 -7.08 6.92
N LEU A 20 29.07 -7.22 8.11
CA LEU A 20 28.33 -6.97 9.34
C LEU A 20 27.79 -5.55 9.36
N LYS A 21 28.67 -4.59 9.09
CA LYS A 21 28.32 -3.18 9.11
C LYS A 21 27.21 -2.84 8.10
N ASP A 22 27.32 -3.39 6.89
CA ASP A 22 26.33 -3.09 5.84
C ASP A 22 24.99 -3.75 6.12
N ALA A 23 25.02 -5.01 6.55
CA ALA A 23 23.79 -5.71 6.90
C ALA A 23 23.12 -5.09 8.11
N LEU A 24 23.93 -4.58 9.05
CA LEU A 24 23.40 -3.97 10.27
C LEU A 24 22.63 -2.70 9.98
N GLU A 25 23.15 -1.88 9.07
CA GLU A 25 22.51 -0.62 8.75
C GLU A 25 21.33 -0.82 7.80
N LYS A 26 21.19 -2.03 7.25
CA LYS A 26 20.12 -2.33 6.32
C LYS A 26 18.88 -2.90 7.00
N ASN A 27 19.09 -3.76 7.99
CA ASN A 27 18.01 -4.20 8.84
C ASN A 27 17.49 -3.00 9.61
N GLN A 28 18.38 -2.04 9.82
CA GLN A 28 18.05 -0.80 10.50
C GLN A 28 17.25 0.13 9.60
N GLN A 29 17.45 0.01 8.29
CA GLN A 29 16.68 0.78 7.32
C GLN A 29 15.33 0.12 7.02
N TRP A 30 15.28 -1.20 7.10
CA TRP A 30 14.02 -1.92 6.97
C TRP A 30 13.02 -1.50 8.04
N LEU A 31 13.53 -1.08 9.19
CA LEU A 31 12.67 -0.65 10.29
C LEU A 31 11.93 0.62 9.91
N VAL A 32 12.66 1.60 9.42
CA VAL A 32 12.08 2.87 9.01
C VAL A 32 11.09 2.68 7.87
N TYR A 33 11.46 1.84 6.91
CA TYR A 33 10.60 1.57 5.76
C TYR A 33 9.30 0.90 6.21
N ASP A 34 9.41 -0.13 7.02
CA ASP A 34 8.24 -0.86 7.48
C ASP A 34 7.36 -0.04 8.42
N GLN A 35 7.97 0.86 9.18
CA GLN A 35 7.23 1.74 10.07
C GLN A 35 6.35 2.69 9.26
N GLN A 36 6.82 3.01 8.06
CA GLN A 36 6.09 3.88 7.15
C GLN A 36 4.96 3.12 6.45
N ARG A 37 5.23 1.88 6.07
CA ARG A 37 4.20 1.05 5.45
C ARG A 37 3.04 0.85 6.42
N GLU A 38 3.36 0.74 7.70
CA GLU A 38 2.35 0.57 8.72
C GLU A 38 1.44 1.78 8.84
N VAL A 39 2.00 2.96 8.63
CA VAL A 39 1.22 4.19 8.60
C VAL A 39 0.19 4.08 7.46
N TYR A 40 0.65 3.64 6.30
CA TYR A 40 -0.20 3.49 5.13
C TYR A 40 -1.28 2.42 5.35
N VAL A 41 -0.87 1.29 5.91
CA VAL A 41 -1.80 0.19 6.17
C VAL A 41 -2.91 0.61 7.15
N LYS A 42 -2.52 1.24 8.24
CA LYS A 42 -3.49 1.74 9.21
C LYS A 42 -4.45 2.73 8.57
N GLY A 43 -3.96 3.48 7.58
CA GLY A 43 -4.80 4.39 6.83
C GLY A 43 -5.81 3.66 5.97
N LEU A 44 -5.34 2.65 5.24
CA LEU A 44 -6.21 1.85 4.40
C LEU A 44 -7.29 1.14 5.21
N LEU A 45 -6.89 0.58 6.35
CA LEU A 45 -7.82 -0.11 7.23
C LEU A 45 -8.93 0.83 7.73
N ALA A 46 -8.55 2.04 8.12
CA ALA A 46 -9.54 3.05 8.53
C ALA A 46 -10.43 3.42 7.35
N LYS A 47 -9.85 3.41 6.16
CA LYS A 47 -10.59 3.71 4.94
C LYS A 47 -11.58 2.61 4.59
N ILE A 48 -11.15 1.35 4.71
CA ILE A 48 -12.02 0.21 4.47
C ILE A 48 -13.17 0.23 5.48
N PHE A 49 -12.85 0.62 6.70
CA PHE A 49 -13.82 0.66 7.78
C PHE A 49 -14.89 1.72 7.57
N GLU A 50 -14.58 2.74 6.77
CA GLU A 50 -15.57 3.77 6.45
C GLU A 50 -16.42 3.36 5.26
N LEU A 51 -15.82 2.63 4.33
CA LEU A 51 -16.54 2.08 3.18
C LEU A 51 -17.49 0.95 3.60
N GLU A 52 -17.30 0.43 4.81
CA GLU A 52 -18.16 -0.63 5.31
C GLU A 52 -19.34 -0.07 6.11
N LYS A 53 -19.21 1.16 6.57
CA LYS A 53 -20.34 1.86 7.18
C LYS A 53 -21.35 2.23 6.09
N LYS A 54 -20.86 2.39 4.86
CA LYS A 54 -21.72 2.60 3.70
C LYS A 54 -22.15 1.27 3.09
N THR A 55 -22.69 0.39 3.93
CA THR A 55 -23.13 -0.94 3.50
C THR A 55 -24.13 -1.53 4.48
N SER B 5 45.18 -9.76 24.73
CA SER B 5 45.76 -10.98 24.18
C SER B 5 45.11 -11.37 22.84
N PHE B 6 45.86 -12.11 22.03
CA PHE B 6 45.40 -12.55 20.72
C PHE B 6 44.20 -13.49 20.81
N ASN B 7 44.24 -14.40 21.78
CA ASN B 7 43.14 -15.34 22.01
C ASN B 7 41.85 -14.61 22.39
N SER B 8 42.01 -13.41 22.96
CA SER B 8 40.89 -12.53 23.25
C SER B 8 40.36 -11.89 21.97
N SER B 9 41.25 -11.64 21.01
CA SER B 9 40.87 -11.02 19.75
C SER B 9 40.25 -12.02 18.78
N ILE B 10 40.71 -13.26 18.85
CA ILE B 10 40.14 -14.32 18.03
C ILE B 10 38.72 -14.64 18.51
N ASN B 11 38.50 -14.48 19.82
CA ASN B 11 37.16 -14.66 20.38
C ASN B 11 36.18 -13.62 19.86
N ASN B 12 36.66 -12.40 19.66
CA ASN B 12 35.83 -11.33 19.11
C ASN B 12 35.44 -11.62 17.65
N ILE B 13 36.39 -12.10 16.87
CA ILE B 13 36.14 -12.46 15.48
C ILE B 13 35.09 -13.56 15.39
N HIS B 14 35.15 -14.50 16.34
CA HIS B 14 34.13 -15.54 16.46
C HIS B 14 32.76 -14.92 16.74
N GLU B 15 32.74 -13.90 17.61
CA GLU B 15 31.52 -13.18 17.96
C GLU B 15 31.00 -12.39 16.76
N MET B 16 31.92 -11.73 16.06
CA MET B 16 31.58 -10.98 14.86
C MET B 16 30.91 -11.88 13.82
N GLU B 17 31.41 -13.09 13.69
CA GLU B 17 30.83 -14.06 12.77
C GLU B 17 29.43 -14.44 13.21
N ILE B 18 29.24 -14.58 14.52
CA ILE B 18 27.93 -14.91 15.06
C ILE B 18 26.94 -13.80 14.75
N GLN B 19 27.40 -12.57 14.90
CA GLN B 19 26.56 -11.41 14.66
C GLN B 19 26.19 -11.25 13.18
N LEU B 20 27.10 -11.66 12.30
CA LEU B 20 26.85 -11.54 10.86
C LEU B 20 25.85 -12.60 10.39
N LYS B 21 26.01 -13.82 10.89
CA LYS B 21 25.09 -14.90 10.58
C LYS B 21 23.69 -14.53 11.06
N ASP B 22 23.64 -13.68 12.08
CA ASP B 22 22.39 -13.21 12.64
C ASP B 22 21.83 -12.05 11.81
N ALA B 23 22.69 -11.08 11.49
CA ALA B 23 22.28 -9.94 10.68
C ALA B 23 21.83 -10.35 9.28
N LEU B 24 22.34 -11.49 8.81
CA LEU B 24 21.97 -11.99 7.49
C LEU B 24 20.71 -12.84 7.53
N GLU B 25 20.52 -13.56 8.64
CA GLU B 25 19.31 -14.35 8.79
C GLU B 25 18.11 -13.44 8.93
N LYS B 26 18.31 -12.32 9.63
CA LYS B 26 17.24 -11.36 9.84
C LYS B 26 16.96 -10.53 8.59
N ASN B 27 18.01 -10.24 7.83
CA ASN B 27 17.85 -9.53 6.57
C ASN B 27 17.01 -10.32 5.58
N GLN B 28 17.17 -11.64 5.61
CA GLN B 28 16.36 -12.54 4.78
C GLN B 28 14.92 -12.55 5.26
N GLN B 29 14.76 -12.57 6.58
CA GLN B 29 13.43 -12.56 7.17
C GLN B 29 12.69 -11.27 6.83
N TRP B 30 13.44 -10.16 6.83
CA TRP B 30 12.89 -8.87 6.40
C TRP B 30 12.42 -8.92 4.97
N LEU B 31 13.18 -9.59 4.11
CA LEU B 31 12.84 -9.71 2.69
C LEU B 31 11.54 -10.46 2.47
N VAL B 32 11.46 -11.67 3.02
CA VAL B 32 10.30 -12.52 2.86
C VAL B 32 9.07 -11.89 3.49
N TYR B 33 9.27 -11.27 4.65
CA TYR B 33 8.21 -10.55 5.34
C TYR B 33 7.71 -9.40 4.48
N ASP B 34 8.64 -8.70 3.85
CA ASP B 34 8.30 -7.55 3.01
C ASP B 34 7.39 -7.94 1.86
N GLN B 35 7.71 -9.04 1.20
CA GLN B 35 6.94 -9.50 0.06
C GLN B 35 5.54 -9.90 0.47
N GLN B 36 5.40 -10.44 1.68
CA GLN B 36 4.10 -10.82 2.18
C GLN B 36 3.25 -9.59 2.47
N ARG B 37 3.90 -8.56 3.02
CA ARG B 37 3.20 -7.33 3.37
C ARG B 37 2.75 -6.60 2.12
N GLU B 38 3.57 -6.65 1.08
CA GLU B 38 3.23 -6.02 -0.19
C GLU B 38 2.04 -6.70 -0.85
N VAL B 39 1.99 -8.03 -0.76
CA VAL B 39 0.84 -8.79 -1.22
C VAL B 39 -0.39 -8.39 -0.41
N TYR B 40 -0.18 -8.16 0.87
CA TYR B 40 -1.26 -7.77 1.78
C TYR B 40 -1.82 -6.39 1.42
N VAL B 41 -0.95 -5.43 1.15
CA VAL B 41 -1.36 -4.07 0.80
C VAL B 41 -2.20 -4.07 -0.49
N LYS B 42 -1.79 -4.88 -1.46
CA LYS B 42 -2.56 -5.02 -2.70
C LYS B 42 -3.94 -5.59 -2.42
N GLY B 43 -4.03 -6.51 -1.46
CA GLY B 43 -5.30 -7.08 -1.07
C GLY B 43 -6.22 -6.03 -0.49
N LEU B 44 -5.67 -5.15 0.34
CA LEU B 44 -6.46 -4.09 0.96
C LEU B 44 -7.00 -3.14 -0.10
N LEU B 45 -6.14 -2.77 -1.05
CA LEU B 45 -6.54 -1.91 -2.15
C LEU B 45 -7.59 -2.58 -3.02
N ALA B 46 -7.42 -3.89 -3.23
CA ALA B 46 -8.34 -4.66 -4.05
C ALA B 46 -9.71 -4.72 -3.39
N LYS B 47 -9.72 -4.70 -2.06
CA LYS B 47 -10.95 -4.72 -1.29
C LYS B 47 -11.60 -3.34 -1.27
N ILE B 48 -10.76 -2.30 -1.18
CA ILE B 48 -11.24 -0.92 -1.29
C ILE B 48 -11.92 -0.72 -2.65
N PHE B 49 -11.32 -1.29 -3.69
CA PHE B 49 -11.84 -1.23 -5.05
C PHE B 49 -13.25 -1.83 -5.14
N GLU B 50 -13.43 -2.99 -4.52
CA GLU B 50 -14.71 -3.70 -4.56
C GLU B 50 -15.77 -2.98 -3.74
N LEU B 51 -15.36 -2.37 -2.64
CA LEU B 51 -16.29 -1.65 -1.77
C LEU B 51 -16.75 -0.33 -2.40
N GLU B 52 -15.89 0.26 -3.22
CA GLU B 52 -16.21 1.54 -3.85
C GLU B 52 -17.17 1.40 -5.02
N LYS B 53 -17.25 0.20 -5.58
CA LYS B 53 -18.17 -0.05 -6.69
C LYS B 53 -19.62 -0.10 -6.20
N LYS B 54 -19.81 -0.08 -4.88
CA LYS B 54 -21.13 -0.03 -4.28
C LYS B 54 -21.51 1.40 -3.89
N ASP C 1 29.85 -7.60 -1.28
CA ASP C 1 28.97 -6.64 -0.61
C ASP C 1 27.50 -6.98 -0.88
N LEU C 2 27.00 -8.02 -0.22
CA LEU C 2 25.72 -8.60 -0.59
C LEU C 2 24.81 -8.87 0.59
N ALA C 3 23.87 -7.95 0.79
CA ALA C 3 22.80 -8.10 1.77
C ALA C 3 21.82 -7.01 1.36
N VAL C 4 20.53 -7.26 1.51
CA VAL C 4 19.52 -6.42 0.89
C VAL C 4 18.90 -5.40 1.84
N GLY C 5 18.59 -4.22 1.31
CA GLY C 5 17.87 -3.18 2.05
C GLY C 5 16.55 -2.86 1.39
N PRO C 6 15.78 -1.95 2.00
CA PRO C 6 14.46 -1.54 1.47
C PRO C 6 14.60 -0.65 0.24
N PRO C 7 13.56 -0.59 -0.60
CA PRO C 7 13.56 0.25 -1.80
C PRO C 7 13.72 1.73 -1.49
N SER C 8 13.17 2.18 -0.36
CA SER C 8 13.38 3.55 0.10
C SER C 8 13.15 3.66 1.59
N LEU C 9 13.15 4.90 2.09
CA LEU C 9 12.88 5.15 3.49
C LEU C 9 11.49 5.74 3.65
N ASN C 10 10.88 6.09 2.53
CA ASN C 10 9.50 6.58 2.51
C ASN C 10 8.60 5.55 1.85
N TYR C 11 7.30 5.65 2.09
CA TYR C 11 6.35 4.73 1.48
C TYR C 11 5.33 5.46 0.60
N PRO C 12 5.10 4.95 -0.62
CA PRO C 12 5.76 3.76 -1.15
C PRO C 12 7.04 4.07 -1.92
N GLY C 13 7.15 5.25 -2.52
CA GLY C 13 8.23 5.54 -3.45
C GLY C 13 7.91 4.97 -4.83
N TYR C 14 6.87 4.14 -4.87
CA TYR C 14 6.38 3.44 -6.07
C TYR C 14 7.43 3.10 -7.12
N HIS D 14 -21.10 -44.63 3.80
CA HIS D 14 -22.16 -43.63 3.75
C HIS D 14 -21.60 -42.26 3.36
N GLU D 15 -22.46 -41.37 2.89
CA GLU D 15 -22.06 -40.01 2.51
C GLU D 15 -21.88 -39.07 3.69
N MET D 16 -21.06 -39.49 4.64
CA MET D 16 -20.53 -38.61 5.66
C MET D 16 -19.09 -38.34 5.25
N GLU D 17 -18.74 -38.85 4.08
CA GLU D 17 -17.44 -38.60 3.46
C GLU D 17 -17.37 -37.13 3.09
N ILE D 18 -18.56 -36.54 2.88
CA ILE D 18 -18.71 -35.11 2.79
C ILE D 18 -17.93 -34.41 3.90
N GLN D 19 -18.15 -34.86 5.13
CA GLN D 19 -17.46 -34.34 6.29
C GLN D 19 -15.96 -34.64 6.26
N LEU D 20 -15.59 -35.75 5.60
CA LEU D 20 -14.18 -36.11 5.48
C LEU D 20 -13.44 -35.26 4.46
N LYS D 21 -13.94 -35.28 3.23
CA LYS D 21 -13.39 -34.48 2.12
C LYS D 21 -13.12 -33.04 2.55
N ASP D 22 -14.10 -32.47 3.25
CA ASP D 22 -14.03 -31.09 3.70
C ASP D 22 -13.04 -30.93 4.86
N ALA D 23 -13.02 -31.89 5.77
CA ALA D 23 -12.09 -31.85 6.91
C ALA D 23 -10.65 -31.94 6.47
N LEU D 24 -10.38 -32.83 5.51
CA LEU D 24 -9.04 -32.98 4.97
C LEU D 24 -8.62 -31.74 4.20
N GLU D 25 -9.61 -31.00 3.70
CA GLU D 25 -9.35 -29.81 2.92
C GLU D 25 -8.98 -28.63 3.83
N LYS D 26 -9.81 -28.36 4.83
CA LYS D 26 -9.57 -27.25 5.75
C LYS D 26 -8.28 -27.44 6.56
N ASN D 27 -7.89 -28.70 6.75
CA ASN D 27 -6.63 -29.01 7.40
C ASN D 27 -5.44 -28.67 6.51
N GLN D 28 -5.63 -28.84 5.20
CA GLN D 28 -4.65 -28.38 4.23
C GLN D 28 -4.67 -26.87 4.17
N GLN D 29 -5.83 -26.28 4.41
CA GLN D 29 -6.00 -24.84 4.41
C GLN D 29 -5.32 -24.22 5.63
N TRP D 30 -5.33 -24.93 6.75
CA TRP D 30 -4.70 -24.44 7.98
C TRP D 30 -3.19 -24.35 7.83
N LEU D 31 -2.61 -25.30 7.10
CA LEU D 31 -1.18 -25.37 6.90
C LEU D 31 -0.58 -24.08 6.32
N VAL D 32 -1.04 -23.72 5.13
CA VAL D 32 -0.48 -22.57 4.42
C VAL D 32 -0.72 -21.25 5.17
N TYR D 33 -1.90 -21.13 5.77
CA TYR D 33 -2.26 -19.96 6.55
C TYR D 33 -1.37 -19.80 7.77
N ASP D 34 -0.92 -20.93 8.32
CA ASP D 34 -0.02 -20.93 9.47
C ASP D 34 1.44 -20.77 9.05
N GLN D 35 1.76 -21.25 7.86
CA GLN D 35 3.10 -21.07 7.30
C GLN D 35 3.38 -19.61 7.00
N GLN D 36 2.32 -18.86 6.66
CA GLN D 36 2.44 -17.45 6.38
C GLN D 36 2.49 -16.62 7.66
N ARG D 37 1.77 -17.08 8.69
CA ARG D 37 1.83 -16.45 10.00
C ARG D 37 3.24 -16.54 10.57
N GLU D 38 3.94 -17.64 10.25
CA GLU D 38 5.32 -17.79 10.68
C GLU D 38 6.22 -16.76 10.02
N VAL D 39 6.00 -16.53 8.74
CA VAL D 39 6.74 -15.51 8.00
C VAL D 39 6.51 -14.14 8.62
N TYR D 40 5.26 -13.88 9.00
CA TYR D 40 4.90 -12.63 9.65
C TYR D 40 5.56 -12.50 11.01
N VAL D 41 5.55 -13.58 11.78
CA VAL D 41 6.15 -13.60 13.10
C VAL D 41 7.64 -13.28 13.04
N LYS D 42 8.36 -13.96 12.15
CA LYS D 42 9.80 -13.72 11.99
C LYS D 42 10.07 -12.27 11.56
N GLY D 43 9.11 -11.68 10.86
CA GLY D 43 9.21 -10.28 10.47
C GLY D 43 9.06 -9.38 11.68
N LEU D 44 8.08 -9.67 12.53
CA LEU D 44 7.88 -8.92 13.75
C LEU D 44 9.08 -9.05 14.69
N LEU D 45 9.57 -10.27 14.84
CA LEU D 45 10.75 -10.52 15.68
C LEU D 45 11.95 -9.72 15.19
N ALA D 46 12.17 -9.70 13.88
CA ALA D 46 13.24 -8.91 13.30
C ALA D 46 13.02 -7.42 13.59
N LYS D 47 11.76 -7.01 13.56
CA LYS D 47 11.38 -5.63 13.82
C LYS D 47 11.65 -5.27 15.28
N ILE D 48 11.26 -6.16 16.18
CA ILE D 48 11.52 -5.97 17.60
C ILE D 48 13.02 -5.83 17.87
N PHE D 49 13.81 -6.69 17.24
CA PHE D 49 15.26 -6.68 17.42
C PHE D 49 15.85 -5.31 17.09
N GLU D 50 15.37 -4.69 16.01
CA GLU D 50 15.87 -3.39 15.58
C GLU D 50 15.41 -2.28 16.52
N LEU D 51 14.18 -2.38 17.00
CA LEU D 51 13.62 -1.39 17.90
C LEU D 51 14.36 -1.38 19.24
N GLU D 52 14.80 -2.56 19.67
CA GLU D 52 15.50 -2.70 20.94
C GLU D 52 16.87 -2.06 20.93
N LYS D 53 17.59 -2.19 19.82
CA LYS D 53 18.89 -1.53 19.66
C LYS D 53 18.71 -0.02 19.71
N LYS D 54 17.58 0.44 19.18
CA LYS D 54 17.28 1.88 19.14
C LYS D 54 16.99 2.44 20.53
N THR D 55 16.71 1.55 21.48
CA THR D 55 16.48 1.94 22.87
C THR D 55 17.76 1.93 23.69
N GLU D 56 18.81 1.31 23.14
CA GLU D 56 20.11 1.26 23.80
C GLU D 56 21.06 2.34 23.24
N THR D 57 20.46 3.42 22.72
CA THR D 57 21.22 4.47 22.05
C THR D 57 20.51 5.84 22.12
N HIS E 14 -18.71 -47.63 7.30
CA HIS E 14 -17.73 -48.49 6.68
C HIS E 14 -16.56 -48.61 7.59
N GLU E 15 -16.40 -47.64 8.46
CA GLU E 15 -15.51 -47.82 9.59
C GLU E 15 -14.07 -47.49 9.24
N MET E 16 -13.82 -47.26 7.98
CA MET E 16 -12.56 -46.72 7.57
C MET E 16 -12.92 -45.27 7.31
N GLU E 17 -13.91 -44.86 8.09
CA GLU E 17 -14.31 -43.52 8.15
C GLU E 17 -13.15 -43.18 8.97
N ILE E 18 -12.00 -43.30 8.35
CA ILE E 18 -10.76 -43.32 9.06
C ILE E 18 -10.44 -42.06 9.79
N GLN E 19 -10.55 -40.96 9.08
CA GLN E 19 -10.17 -39.68 9.61
C GLN E 19 -11.25 -39.11 10.44
N LEU E 20 -12.47 -39.43 10.11
CA LEU E 20 -13.49 -38.50 10.32
C LEU E 20 -13.18 -38.00 11.70
N LYS E 21 -12.75 -38.85 12.61
CA LYS E 21 -12.23 -38.26 13.82
C LYS E 21 -10.74 -38.13 13.76
N ASP E 22 -10.13 -38.76 12.80
CA ASP E 22 -8.71 -38.60 12.71
C ASP E 22 -8.48 -37.17 12.41
N ALA E 23 -9.25 -36.64 11.48
CA ALA E 23 -9.15 -35.25 11.06
C ALA E 23 -9.90 -34.29 11.99
N LEU E 24 -11.08 -34.69 12.49
CA LEU E 24 -11.84 -33.83 13.41
C LEU E 24 -11.10 -33.58 14.72
N GLU E 25 -10.44 -34.60 15.25
CA GLU E 25 -9.57 -34.42 16.42
C GLU E 25 -8.38 -33.56 16.02
N LYS E 26 -7.89 -33.79 14.80
CA LYS E 26 -6.74 -33.07 14.26
C LYS E 26 -7.10 -31.65 13.86
N ASN E 27 -8.25 -31.48 13.22
CA ASN E 27 -8.75 -30.15 12.89
C ASN E 27 -8.90 -29.32 14.16
N GLN E 28 -9.50 -29.94 15.18
CA GLN E 28 -9.77 -29.26 16.44
C GLN E 28 -8.48 -28.84 17.18
N GLN E 29 -7.36 -29.46 16.83
CA GLN E 29 -6.06 -29.05 17.38
C GLN E 29 -5.66 -27.69 16.82
N TRP E 30 -5.76 -27.54 15.50
CA TRP E 30 -5.47 -26.28 14.82
C TRP E 30 -6.18 -25.07 15.43
N LEU E 31 -7.35 -25.30 16.04
CA LEU E 31 -8.19 -24.22 16.54
C LEU E 31 -7.66 -23.59 17.85
N VAL E 32 -7.47 -24.41 18.87
CA VAL E 32 -6.82 -23.96 20.11
C VAL E 32 -5.39 -23.49 19.82
N TYR E 33 -4.77 -24.13 18.83
CA TYR E 33 -3.42 -23.75 18.40
C TYR E 33 -3.45 -22.39 17.73
N ASP E 34 -4.42 -22.20 16.84
CA ASP E 34 -4.58 -20.92 16.17
C ASP E 34 -4.82 -19.83 17.20
N GLN E 35 -5.80 -20.06 18.08
CA GLN E 35 -6.18 -19.07 19.08
C GLN E 35 -4.99 -18.71 19.96
N GLN E 36 -4.06 -19.65 20.11
CA GLN E 36 -2.86 -19.39 20.89
C GLN E 36 -1.86 -18.56 20.10
N ARG E 37 -1.58 -18.96 18.87
CA ARG E 37 -0.63 -18.25 18.03
C ARG E 37 -1.10 -16.82 17.77
N GLU E 38 -2.41 -16.62 17.82
CA GLU E 38 -2.97 -15.29 17.69
C GLU E 38 -2.68 -14.43 18.92
N VAL E 39 -2.82 -15.02 20.11
CA VAL E 39 -2.53 -14.31 21.35
C VAL E 39 -1.06 -13.93 21.39
N TYR E 40 -0.21 -14.85 20.94
CA TYR E 40 1.23 -14.61 20.82
C TYR E 40 1.50 -13.42 19.91
N VAL E 41 0.85 -13.40 18.76
CA VAL E 41 1.01 -12.32 17.79
C VAL E 41 0.54 -10.96 18.34
N LYS E 42 -0.57 -10.96 19.07
CA LYS E 42 -1.05 -9.73 19.71
C LYS E 42 -0.02 -9.23 20.71
N GLY E 43 0.70 -10.16 21.32
CA GLY E 43 1.75 -9.84 22.28
C GLY E 43 2.95 -9.17 21.63
N LEU E 44 3.39 -9.71 20.50
CA LEU E 44 4.50 -9.12 19.74
C LEU E 44 4.13 -7.71 19.27
N LEU E 45 2.92 -7.56 18.75
CA LEU E 45 2.46 -6.25 18.27
C LEU E 45 2.40 -5.22 19.40
N ALA E 46 1.93 -5.66 20.56
CA ALA E 46 1.85 -4.80 21.73
C ALA E 46 3.25 -4.40 22.19
N LYS E 47 4.19 -5.34 22.07
CA LYS E 47 5.57 -5.07 22.45
C LYS E 47 6.18 -4.06 21.50
N ILE E 48 5.91 -4.20 20.22
CA ILE E 48 6.36 -3.25 19.21
C ILE E 48 5.79 -1.86 19.51
N PHE E 49 4.53 -1.82 19.92
CA PHE E 49 3.85 -0.58 20.28
C PHE E 49 4.58 0.14 21.39
N GLU E 50 4.92 -0.60 22.46
CA GLU E 50 5.60 0.00 23.60
C GLU E 50 6.99 0.47 23.24
N LEU E 51 7.72 -0.35 22.49
CA LEU E 51 9.05 0.02 22.03
C LEU E 51 9.02 1.30 21.20
N GLU E 52 8.01 1.43 20.34
CA GLU E 52 7.89 2.56 19.43
C GLU E 52 7.50 3.88 20.09
N LYS E 53 6.83 3.80 21.25
CA LYS E 53 6.37 5.01 21.95
C LYS E 53 7.50 5.69 22.74
N LYS E 54 8.54 4.93 23.03
CA LYS E 54 9.71 5.45 23.74
C LYS E 54 10.80 5.94 22.76
N THR E 55 10.81 5.35 21.57
CA THR E 55 11.82 5.69 20.57
C THR E 55 11.50 6.98 19.81
N GLU E 56 10.36 7.60 20.10
CA GLU E 56 10.03 8.86 19.43
C GLU E 56 10.74 10.11 20.02
N THR E 57 10.46 10.53 21.27
CA THR E 57 9.41 10.01 22.15
C THR E 57 8.17 10.89 22.03
N LEU F 2 -19.40 -30.98 12.24
CA LEU F 2 -18.72 -30.25 11.18
C LEU F 2 -17.42 -29.65 11.71
N ALA F 3 -16.52 -29.30 10.80
CA ALA F 3 -15.23 -28.73 11.17
C ALA F 3 -15.07 -27.29 10.65
N VAL F 4 -14.08 -26.60 11.19
CA VAL F 4 -13.84 -25.20 10.84
C VAL F 4 -12.44 -25.04 10.23
N GLY F 5 -12.28 -24.05 9.36
CA GLY F 5 -10.98 -23.76 8.76
C GLY F 5 -10.49 -22.36 9.05
N PRO F 6 -9.41 -21.95 8.36
CA PRO F 6 -8.81 -20.62 8.54
C PRO F 6 -9.62 -19.52 7.85
N PRO F 7 -9.62 -18.30 8.41
CA PRO F 7 -10.38 -17.17 7.86
C PRO F 7 -9.77 -16.65 6.57
N SER F 8 -8.60 -17.17 6.22
CA SER F 8 -7.94 -16.79 4.96
C SER F 8 -6.91 -17.82 4.54
N LEU F 9 -6.03 -17.42 3.63
CA LEU F 9 -4.98 -18.29 3.13
C LEU F 9 -3.70 -17.48 3.12
N ASN F 10 -3.85 -16.16 3.07
CA ASN F 10 -2.75 -15.24 3.25
C ASN F 10 -2.84 -14.63 4.65
N TYR F 11 -1.71 -14.29 5.24
CA TYR F 11 -1.75 -13.74 6.60
C TYR F 11 -1.44 -12.25 6.63
N PRO F 12 -2.29 -11.46 7.30
CA PRO F 12 -3.59 -11.94 7.82
C PRO F 12 -4.67 -11.89 6.74
N GLY F 13 -5.93 -12.05 7.15
CA GLY F 13 -7.04 -12.01 6.22
C GLY F 13 -7.85 -10.74 6.32
N TYR F 14 -8.07 -10.10 5.17
CA TYR F 14 -8.84 -8.84 5.12
C TYR F 14 -10.33 -9.10 4.96
N ASN G 11 -10.58 14.97 27.70
CA ASN G 11 -11.64 15.65 28.44
C ASN G 11 -12.98 14.99 28.25
N ASN G 12 -13.49 14.31 29.26
CA ASN G 12 -14.86 13.90 29.22
C ASN G 12 -15.53 13.78 30.55
N ILE G 13 -15.77 14.86 31.26
CA ILE G 13 -16.47 14.63 32.50
C ILE G 13 -17.64 13.69 32.30
N HIS G 14 -18.52 13.95 31.34
CA HIS G 14 -19.35 12.90 30.77
C HIS G 14 -19.54 12.95 29.27
N GLU G 15 -20.35 13.91 28.82
CA GLU G 15 -21.02 13.80 27.53
C GLU G 15 -20.10 13.66 26.31
N MET G 16 -20.16 12.46 25.75
CA MET G 16 -19.23 11.97 24.76
C MET G 16 -19.97 11.29 23.63
N GLU G 17 -21.27 11.50 23.58
CA GLU G 17 -22.06 11.20 22.40
C GLU G 17 -21.68 12.26 21.40
N ILE G 18 -21.33 13.42 21.93
CA ILE G 18 -21.03 14.61 21.17
C ILE G 18 -19.69 14.41 20.45
N GLN G 19 -18.76 13.84 21.19
CA GLN G 19 -17.45 13.50 20.67
C GLN G 19 -17.55 12.33 19.71
N LEU G 20 -18.31 11.31 20.08
CA LEU G 20 -18.49 10.13 19.24
C LEU G 20 -19.17 10.49 17.93
N LYS G 21 -20.23 11.30 18.00
CA LYS G 21 -20.93 11.71 16.79
C LYS G 21 -20.01 12.51 15.89
N ASP G 22 -19.21 13.38 16.49
CA ASP G 22 -18.32 14.22 15.69
C ASP G 22 -17.11 13.45 15.15
N ALA G 23 -16.69 12.41 15.88
CA ALA G 23 -15.57 11.59 15.42
C ALA G 23 -15.96 10.78 14.20
N LEU G 24 -17.07 10.06 14.29
CA LEU G 24 -17.58 9.27 13.18
C LEU G 24 -17.89 10.17 11.98
N GLU G 25 -18.20 11.43 12.28
CA GLU G 25 -18.51 12.42 11.27
C GLU G 25 -17.26 12.79 10.49
N LYS G 26 -16.16 12.97 11.23
CA LYS G 26 -14.91 13.41 10.64
C LYS G 26 -14.15 12.28 9.93
N ASN G 27 -14.41 11.04 10.33
CA ASN G 27 -13.84 9.89 9.65
C ASN G 27 -14.52 9.67 8.31
N GLN G 28 -15.83 9.94 8.25
CA GLN G 28 -16.59 9.85 7.01
C GLN G 28 -16.15 10.89 5.98
N GLN G 29 -15.50 11.95 6.46
CA GLN G 29 -15.04 13.03 5.59
C GLN G 29 -13.69 12.73 4.99
N TRP G 30 -12.85 12.02 5.76
CA TRP G 30 -11.54 11.65 5.29
C TRP G 30 -11.67 10.68 4.13
N LEU G 31 -12.65 9.79 4.21
CA LEU G 31 -12.95 8.85 3.14
C LEU G 31 -13.23 9.59 1.83
N VAL G 32 -14.15 10.55 1.89
CA VAL G 32 -14.50 11.34 0.71
C VAL G 32 -13.29 12.11 0.19
N TYR G 33 -12.58 12.75 1.12
CA TYR G 33 -11.41 13.54 0.77
C TYR G 33 -10.32 12.68 0.14
N ASP G 34 -10.03 11.54 0.76
CA ASP G 34 -8.95 10.68 0.30
C ASP G 34 -9.27 10.05 -1.06
N GLN G 35 -10.55 9.77 -1.29
CA GLN G 35 -10.99 9.18 -2.55
C GLN G 35 -10.75 10.15 -3.71
N GLN G 36 -10.85 11.44 -3.43
CA GLN G 36 -10.61 12.47 -4.42
C GLN G 36 -9.12 12.59 -4.73
N ARG G 37 -8.29 12.46 -3.69
CA ARG G 37 -6.84 12.50 -3.85
C ARG G 37 -6.32 11.30 -4.65
N GLU G 38 -6.93 10.13 -4.45
CA GLU G 38 -6.53 8.94 -5.19
C GLU G 38 -6.76 9.12 -6.70
N VAL G 39 -7.88 9.74 -7.06
CA VAL G 39 -8.19 10.02 -8.46
C VAL G 39 -7.12 10.95 -9.02
N TYR G 40 -6.73 11.92 -8.20
CA TYR G 40 -5.68 12.84 -8.57
C TYR G 40 -4.35 12.11 -8.74
N VAL G 41 -4.03 11.24 -7.78
CA VAL G 41 -2.76 10.50 -7.79
C VAL G 41 -2.64 9.60 -9.02
N LYS G 42 -3.69 8.87 -9.33
CA LYS G 42 -3.70 8.02 -10.53
C LYS G 42 -3.55 8.87 -11.78
N GLY G 43 -4.08 10.08 -11.75
CA GLY G 43 -3.95 11.01 -12.86
C GLY G 43 -2.50 11.41 -13.06
N LEU G 44 -1.83 11.78 -11.98
CA LEU G 44 -0.41 12.12 -12.02
C LEU G 44 0.43 10.95 -12.52
N LEU G 45 0.13 9.74 -12.03
CA LEU G 45 0.87 8.56 -12.43
C LEU G 45 0.72 8.26 -13.92
N ALA G 46 -0.47 8.51 -14.45
CA ALA G 46 -0.71 8.37 -15.89
C ALA G 46 0.09 9.43 -16.64
N LYS G 47 0.20 10.62 -16.03
CA LYS G 47 0.91 11.73 -16.64
C LYS G 47 2.42 11.46 -16.68
N ILE G 48 2.94 10.95 -15.56
CA ILE G 48 4.34 10.61 -15.45
C ILE G 48 4.70 9.53 -16.47
N PHE G 49 3.81 8.55 -16.61
CA PHE G 49 4.01 7.45 -17.53
C PHE G 49 4.18 7.93 -18.97
N GLU G 50 3.35 8.89 -19.37
CA GLU G 50 3.41 9.47 -20.71
C GLU G 50 4.67 10.31 -20.90
N LEU G 51 5.03 11.07 -19.88
CA LEU G 51 6.24 11.90 -19.92
C LEU G 51 7.50 11.04 -20.01
N GLU G 52 7.47 9.86 -19.39
CA GLU G 52 8.58 8.92 -19.47
C GLU G 52 8.70 8.34 -20.87
N LYS G 53 7.57 8.04 -21.49
CA LYS G 53 7.55 7.51 -22.84
C LYS G 53 7.99 8.58 -23.85
N LYS G 54 7.75 9.84 -23.51
CA LYS G 54 8.09 10.98 -24.36
C LYS G 54 9.61 11.16 -24.45
N THR G 55 10.35 10.38 -23.67
CA THR G 55 11.80 10.46 -23.62
C THR G 55 12.45 9.18 -24.15
N GLU G 56 13.00 9.23 -25.37
CA GLU G 56 12.93 10.41 -26.23
C GLU G 56 12.31 10.03 -27.58
N SER H 8 -26.25 -1.68 38.46
CA SER H 8 -26.82 -2.70 37.59
C SER H 8 -25.96 -2.91 36.34
N SER H 9 -26.20 -4.02 35.65
CA SER H 9 -25.38 -4.41 34.50
C SER H 9 -25.86 -3.90 33.15
N ILE H 10 -26.29 -2.64 33.10
CA ILE H 10 -26.39 -1.91 31.83
C ILE H 10 -25.43 -0.71 31.94
N ASN H 11 -24.24 -1.02 32.47
CA ASN H 11 -23.04 -0.23 32.25
C ASN H 11 -22.44 -0.80 30.97
N ASN H 12 -23.24 -1.64 30.31
CA ASN H 12 -22.91 -2.25 29.03
C ASN H 12 -23.14 -1.29 27.87
N ILE H 13 -24.27 -0.59 27.88
CA ILE H 13 -24.54 0.41 26.84
C ILE H 13 -23.78 1.72 27.15
N HIS H 14 -22.82 1.62 28.07
CA HIS H 14 -21.82 2.65 28.29
C HIS H 14 -20.54 2.25 27.59
N GLU H 15 -20.70 1.43 26.55
CA GLU H 15 -19.59 1.00 25.70
C GLU H 15 -19.47 1.90 24.47
N MET H 16 -20.23 3.00 24.48
CA MET H 16 -20.07 4.08 23.52
C MET H 16 -18.63 4.51 23.63
N GLU H 17 -18.16 4.45 24.86
CA GLU H 17 -16.79 4.68 25.25
C GLU H 17 -15.79 3.83 24.48
N ILE H 18 -16.12 2.55 24.28
CA ILE H 18 -15.29 1.67 23.48
C ILE H 18 -15.21 2.21 22.04
N GLN H 19 -16.36 2.63 21.51
CA GLN H 19 -16.45 3.16 20.15
C GLN H 19 -15.72 4.48 20.01
N LEU H 20 -15.95 5.39 20.96
CA LEU H 20 -15.27 6.68 20.96
C LEU H 20 -13.76 6.48 20.96
N LYS H 21 -13.32 5.53 21.78
CA LYS H 21 -11.91 5.16 21.84
C LYS H 21 -11.43 4.63 20.48
N ASP H 22 -12.27 3.84 19.83
CA ASP H 22 -11.94 3.29 18.52
C ASP H 22 -12.02 4.36 17.43
N ALA H 23 -13.06 5.18 17.48
CA ALA H 23 -13.25 6.24 16.50
C ALA H 23 -12.16 7.30 16.57
N LEU H 24 -11.68 7.56 17.78
CA LEU H 24 -10.62 8.53 17.98
C LEU H 24 -9.27 7.96 17.55
N GLU H 25 -9.16 6.64 17.61
CA GLU H 25 -7.95 5.95 17.18
C GLU H 25 -7.83 6.01 15.66
N LYS H 26 -8.96 5.82 14.97
CA LYS H 26 -9.00 5.86 13.51
C LYS H 26 -8.73 7.26 12.98
N ASN H 27 -9.28 8.26 13.67
CA ASN H 27 -9.09 9.64 13.26
C ASN H 27 -7.62 10.03 13.35
N GLN H 28 -6.93 9.50 14.36
CA GLN H 28 -5.51 9.76 14.54
C GLN H 28 -4.72 9.06 13.44
N GLN H 29 -5.18 7.88 13.04
CA GLN H 29 -4.53 7.12 12.00
C GLN H 29 -4.71 7.79 10.64
N TRP H 30 -5.85 8.43 10.47
CA TRP H 30 -6.13 9.18 9.25
C TRP H 30 -5.14 10.35 9.09
N LEU H 31 -4.81 10.98 10.20
CA LEU H 31 -3.95 12.16 10.19
C LEU H 31 -2.53 11.82 9.75
N VAL H 32 -1.94 10.81 10.38
CA VAL H 32 -0.58 10.40 10.05
C VAL H 32 -0.53 9.84 8.64
N TYR H 33 -1.62 9.21 8.22
CA TYR H 33 -1.74 8.71 6.86
C TYR H 33 -1.83 9.88 5.89
N ASP H 34 -2.45 10.96 6.32
CA ASP H 34 -2.62 12.15 5.48
C ASP H 34 -1.30 12.84 5.16
N GLN H 35 -0.46 13.03 6.16
CA GLN H 35 0.83 13.69 5.95
C GLN H 35 1.71 12.87 5.01
N GLN H 36 1.61 11.54 5.12
CA GLN H 36 2.39 10.66 4.27
C GLN H 36 1.96 10.79 2.81
N ARG H 37 0.65 10.67 2.58
CA ARG H 37 0.10 10.78 1.22
C ARG H 37 0.39 12.14 0.60
N GLU H 38 0.51 13.17 1.44
CA GLU H 38 0.80 14.51 0.95
C GLU H 38 2.26 14.63 0.51
N VAL H 39 3.15 14.00 1.28
CA VAL H 39 4.56 13.95 0.90
C VAL H 39 4.72 13.18 -0.41
N TYR H 40 3.93 12.14 -0.58
CA TYR H 40 3.96 11.34 -1.80
C TYR H 40 3.51 12.15 -3.02
N VAL H 41 2.38 12.85 -2.88
CA VAL H 41 1.85 13.67 -3.97
C VAL H 41 2.84 14.76 -4.40
N LYS H 42 3.45 15.43 -3.43
CA LYS H 42 4.45 16.45 -3.73
C LYS H 42 5.66 15.84 -4.42
N GLY H 43 5.95 14.58 -4.08
CA GLY H 43 7.02 13.85 -4.73
C GLY H 43 6.70 13.58 -6.19
N LEU H 44 5.43 13.26 -6.47
CA LEU H 44 4.99 12.99 -7.84
C LEU H 44 4.99 14.26 -8.67
N LEU H 45 4.66 15.38 -8.03
CA LEU H 45 4.66 16.67 -8.70
C LEU H 45 6.08 17.08 -9.06
N ALA H 46 7.01 16.90 -8.13
CA ALA H 46 8.42 17.17 -8.38
C ALA H 46 8.94 16.31 -9.52
N LYS H 47 8.47 15.07 -9.59
CA LYS H 47 8.88 14.13 -10.63
C LYS H 47 8.40 14.60 -12.00
N ILE H 48 7.16 15.09 -12.05
CA ILE H 48 6.60 15.64 -13.28
C ILE H 48 7.39 16.88 -13.70
N PHE H 49 7.72 17.72 -12.73
CA PHE H 49 8.49 18.93 -12.97
C PHE H 49 9.82 18.64 -13.68
N GLU H 50 10.62 17.77 -13.07
CA GLU H 50 11.91 17.37 -13.64
C GLU H 50 11.73 16.71 -14.99
N LEU H 51 10.64 15.96 -15.16
CA LEU H 51 10.35 15.32 -16.44
C LEU H 51 9.92 16.34 -17.48
N GLU H 52 9.22 17.38 -17.05
CA GLU H 52 8.77 18.42 -17.96
C GLU H 52 9.93 19.28 -18.43
N LYS H 53 11.03 19.22 -17.69
CA LYS H 53 12.24 19.95 -18.05
C LYS H 53 13.04 19.23 -19.13
N LYS H 54 12.46 18.21 -19.73
CA LYS H 54 13.10 17.48 -20.83
C LYS H 54 12.67 18.08 -22.17
N THR H 55 13.61 18.50 -23.03
CA THR H 55 15.06 18.32 -22.87
C THR H 55 15.71 19.11 -21.73
N ASP I 1 -14.38 2.50 -30.37
CA ASP I 1 -13.11 2.03 -29.85
C ASP I 1 -13.12 1.90 -28.32
N LEU I 2 -12.02 1.41 -27.76
CA LEU I 2 -11.92 1.18 -26.33
C LEU I 2 -11.45 2.43 -25.57
N ALA I 3 -10.49 3.14 -26.15
CA ALA I 3 -9.92 4.32 -25.50
C ALA I 3 -10.65 5.61 -25.88
N VAL I 4 -10.59 6.59 -24.98
CA VAL I 4 -11.21 7.88 -25.21
C VAL I 4 -10.17 8.98 -25.05
N GLY I 5 -10.04 9.82 -26.07
CA GLY I 5 -9.07 10.91 -26.04
C GLY I 5 -9.65 12.19 -25.46
N PRO I 6 -8.81 13.24 -25.39
CA PRO I 6 -9.24 14.56 -24.91
C PRO I 6 -10.14 15.25 -25.93
N PRO I 7 -10.95 16.21 -25.48
CA PRO I 7 -11.79 17.03 -26.37
C PRO I 7 -10.95 17.73 -27.45
N SER I 8 -9.77 18.23 -27.08
CA SER I 8 -8.83 18.79 -28.04
C SER I 8 -7.41 18.73 -27.50
N LEU I 9 -6.47 19.38 -28.19
CA LEU I 9 -5.09 19.45 -27.72
C LEU I 9 -4.82 20.83 -27.13
N ASN I 10 -5.73 21.76 -27.38
CA ASN I 10 -5.65 23.10 -26.80
C ASN I 10 -6.68 23.24 -25.70
N TYR I 11 -6.36 24.03 -24.68
CA TYR I 11 -7.33 24.24 -23.62
C TYR I 11 -7.94 25.64 -23.68
N PRO I 12 -9.28 25.71 -23.70
CA PRO I 12 -10.18 24.55 -23.77
C PRO I 12 -10.42 24.06 -25.20
N GLY I 13 -10.08 24.89 -26.19
CA GLY I 13 -9.94 24.42 -27.57
C GLY I 13 -11.05 24.62 -28.59
N TYR I 14 -12.07 25.42 -28.26
CA TYR I 14 -13.18 25.75 -29.16
C TYR I 14 -13.74 24.58 -29.99
N ALA J 2 -11.35 -26.14 -34.69
CA ALA J 2 -11.85 -25.87 -36.02
C ALA J 2 -11.03 -24.78 -36.69
N MET J 3 -10.51 -25.07 -37.89
CA MET J 3 -9.63 -24.15 -38.61
C MET J 3 -10.23 -22.75 -38.79
N GLY J 4 -11.55 -22.69 -38.90
CA GLY J 4 -12.24 -21.42 -39.03
C GLY J 4 -12.18 -20.58 -37.76
N SER J 5 -12.11 -21.26 -36.61
CA SER J 5 -12.04 -20.58 -35.32
C SER J 5 -10.73 -19.84 -35.13
N PHE J 6 -9.76 -20.13 -36.00
CA PHE J 6 -8.41 -19.59 -35.89
C PHE J 6 -8.18 -18.44 -36.86
N ASN J 7 -8.83 -18.50 -38.02
CA ASN J 7 -8.79 -17.42 -38.99
C ASN J 7 -9.40 -16.16 -38.37
N SER J 8 -10.48 -16.36 -37.61
CA SER J 8 -11.13 -15.28 -36.88
C SER J 8 -10.28 -14.86 -35.69
N SER J 9 -9.58 -15.81 -35.10
CA SER J 9 -8.74 -15.57 -33.93
C SER J 9 -7.61 -14.60 -34.22
N ILE J 10 -6.99 -14.74 -35.39
CA ILE J 10 -5.89 -13.87 -35.80
C ILE J 10 -6.39 -12.50 -36.24
N ASN J 11 -7.53 -12.48 -36.91
CA ASN J 11 -8.19 -11.23 -37.26
C ASN J 11 -8.58 -10.48 -35.99
N ASN J 12 -8.98 -11.23 -34.97
CA ASN J 12 -9.31 -10.67 -33.67
C ASN J 12 -8.07 -10.06 -33.00
N ILE J 13 -6.94 -10.71 -33.17
CA ILE J 13 -5.68 -10.22 -32.62
C ILE J 13 -5.23 -8.94 -33.32
N HIS J 14 -5.53 -8.84 -34.62
CA HIS J 14 -5.25 -7.65 -35.40
C HIS J 14 -5.88 -6.40 -34.79
N GLU J 15 -7.16 -6.52 -34.44
CA GLU J 15 -7.90 -5.41 -33.84
C GLU J 15 -7.26 -4.98 -32.53
N MET J 16 -6.80 -5.95 -31.75
CA MET J 16 -6.11 -5.68 -30.49
C MET J 16 -4.89 -4.77 -30.68
N GLU J 17 -4.26 -4.84 -31.86
CA GLU J 17 -3.15 -3.96 -32.19
C GLU J 17 -3.64 -2.57 -32.59
N ILE J 18 -4.68 -2.54 -33.41
CA ILE J 18 -5.33 -1.27 -33.77
C ILE J 18 -5.77 -0.53 -32.51
N GLN J 19 -6.33 -1.28 -31.57
CA GLN J 19 -6.76 -0.72 -30.31
C GLN J 19 -5.58 -0.25 -29.44
N LEU J 20 -4.51 -1.04 -29.43
CA LEU J 20 -3.33 -0.67 -28.66
C LEU J 20 -2.71 0.61 -29.21
N LYS J 21 -2.55 0.68 -30.53
CA LYS J 21 -2.03 1.88 -31.18
C LYS J 21 -2.95 3.06 -30.92
N ASP J 22 -4.25 2.79 -30.89
CA ASP J 22 -5.25 3.81 -30.64
C ASP J 22 -5.11 4.38 -29.23
N ALA J 23 -5.08 3.49 -28.25
CA ALA J 23 -5.02 3.89 -26.84
C ALA J 23 -3.72 4.61 -26.50
N LEU J 24 -2.63 4.23 -27.16
CA LEU J 24 -1.33 4.84 -26.90
C LEU J 24 -1.28 6.31 -27.33
N GLU J 25 -1.91 6.63 -28.45
CA GLU J 25 -1.91 8.00 -28.93
C GLU J 25 -2.90 8.86 -28.16
N LYS J 26 -4.06 8.30 -27.83
CA LYS J 26 -5.06 9.02 -27.05
C LYS J 26 -4.56 9.34 -25.64
N ASN J 27 -3.76 8.44 -25.08
CA ASN J 27 -3.13 8.70 -23.79
C ASN J 27 -2.03 9.74 -23.93
N GLN J 28 -1.38 9.75 -25.08
CA GLN J 28 -0.34 10.74 -25.38
C GLN J 28 -0.98 12.11 -25.59
N GLN J 29 -2.14 12.13 -26.23
CA GLN J 29 -2.90 13.36 -26.44
C GLN J 29 -3.37 13.93 -25.10
N TRP J 30 -3.72 13.03 -24.18
CA TRP J 30 -4.14 13.43 -22.84
C TRP J 30 -3.02 14.16 -22.11
N LEU J 31 -1.78 13.85 -22.44
CA LEU J 31 -0.64 14.55 -21.84
C LEU J 31 -0.59 16.01 -22.30
N VAL J 32 -0.64 16.21 -23.61
CA VAL J 32 -0.62 17.56 -24.19
C VAL J 32 -1.77 18.42 -23.68
N TYR J 33 -2.97 17.84 -23.65
CA TYR J 33 -4.15 18.56 -23.20
C TYR J 33 -4.07 18.95 -21.73
N ASP J 34 -3.60 18.02 -20.89
CA ASP J 34 -3.50 18.28 -19.47
C ASP J 34 -2.41 19.31 -19.17
N GLN J 35 -1.31 19.24 -19.91
CA GLN J 35 -0.22 20.20 -19.78
C GLN J 35 -0.74 21.59 -20.12
N GLN J 36 -1.53 21.65 -21.21
CA GLN J 36 -2.11 22.89 -21.69
C GLN J 36 -3.05 23.48 -20.64
N ARG J 37 -3.76 22.61 -19.95
CA ARG J 37 -4.70 23.02 -18.93
C ARG J 37 -4.00 23.53 -17.67
N GLU J 38 -2.82 22.99 -17.40
CA GLU J 38 -2.06 23.40 -16.23
C GLU J 38 -1.58 24.83 -16.36
N VAL J 39 -1.22 25.22 -17.58
CA VAL J 39 -0.87 26.61 -17.88
C VAL J 39 -2.04 27.51 -17.52
N TYR J 40 -3.23 27.10 -17.93
CA TYR J 40 -4.45 27.84 -17.65
C TYR J 40 -4.75 27.89 -16.15
N VAL J 41 -4.58 26.77 -15.45
CA VAL J 41 -4.86 26.71 -14.02
C VAL J 41 -3.96 27.66 -13.21
N LYS J 42 -2.66 27.65 -13.54
CA LYS J 42 -1.70 28.51 -12.86
C LYS J 42 -1.98 30.00 -13.12
N GLY J 43 -2.22 30.33 -14.39
CA GLY J 43 -2.60 31.68 -14.75
C GLY J 43 -3.83 32.12 -13.97
N LEU J 44 -4.80 31.23 -13.83
CA LEU J 44 -6.00 31.54 -13.07
C LEU J 44 -5.68 31.71 -11.58
N LEU J 45 -4.69 30.98 -11.11
CA LEU J 45 -4.30 31.09 -9.71
C LEU J 45 -3.62 32.43 -9.45
N ALA J 46 -2.64 32.75 -10.28
CA ALA J 46 -1.93 34.02 -10.19
C ALA J 46 -2.94 35.17 -10.20
N LYS J 47 -4.01 34.99 -10.95
CA LYS J 47 -5.08 35.99 -11.05
C LYS J 47 -5.90 36.07 -9.78
N ILE J 48 -6.18 34.92 -9.17
CA ILE J 48 -6.92 34.88 -7.91
C ILE J 48 -6.12 35.59 -6.81
N PHE J 49 -4.80 35.40 -6.84
CA PHE J 49 -3.92 36.03 -5.86
C PHE J 49 -3.95 37.55 -5.95
N GLU J 50 -3.88 38.08 -7.18
CA GLU J 50 -3.91 39.51 -7.41
C GLU J 50 -5.26 40.12 -7.03
N LEU J 51 -6.32 39.35 -7.22
CA LEU J 51 -7.66 39.75 -6.80
C LEU J 51 -7.80 39.72 -5.28
N GLU J 52 -7.18 38.73 -4.65
CA GLU J 52 -7.08 38.66 -3.19
C GLU J 52 -6.22 39.79 -2.67
N LYS J 53 -5.20 40.16 -3.45
CA LYS J 53 -4.30 41.25 -3.10
C LYS J 53 -5.01 42.61 -3.05
N LYS J 54 -6.31 42.58 -3.28
CA LYS J 54 -7.11 43.76 -3.39
C LYS J 54 -8.05 43.83 -2.25
N THR J 55 -7.56 43.41 -1.09
CA THR J 55 -7.97 43.97 0.17
C THR J 55 -6.87 44.00 1.25
N GLU J 56 -6.84 45.10 2.02
CA GLU J 56 -5.86 45.38 3.07
C GLU J 56 -4.56 44.57 2.96
N SER K 5 9.62 -22.41 -33.12
CA SER K 5 9.99 -21.25 -33.92
C SER K 5 8.97 -20.13 -33.77
N PHE K 6 7.72 -20.50 -33.58
CA PHE K 6 6.64 -19.53 -33.46
C PHE K 6 6.34 -19.23 -32.00
N ASN K 7 7.15 -19.76 -31.09
CA ASN K 7 6.90 -19.61 -29.66
C ASN K 7 7.14 -18.19 -29.14
N SER K 8 8.07 -17.50 -29.79
CA SER K 8 8.41 -16.14 -29.38
C SER K 8 7.43 -15.13 -29.97
N SER K 9 6.88 -15.46 -31.15
CA SER K 9 5.84 -14.63 -31.74
C SER K 9 4.58 -14.66 -30.86
N ILE K 10 4.38 -15.76 -30.14
CA ILE K 10 3.25 -15.90 -29.22
C ILE K 10 3.42 -14.94 -28.06
N ASN K 11 4.53 -15.10 -27.33
CA ASN K 11 4.87 -14.24 -26.20
C ASN K 11 4.79 -12.78 -26.58
N ASN K 12 5.12 -12.50 -27.84
CA ASN K 12 5.04 -11.16 -28.39
C ASN K 12 3.60 -10.66 -28.47
N ILE K 13 2.65 -11.58 -28.68
CA ILE K 13 1.23 -11.24 -28.68
C ILE K 13 0.71 -11.16 -27.24
N HIS K 14 1.36 -11.89 -26.34
CA HIS K 14 1.00 -11.88 -24.93
C HIS K 14 1.35 -10.56 -24.26
N GLU K 15 2.38 -9.90 -24.80
CA GLU K 15 2.81 -8.59 -24.33
C GLU K 15 1.88 -7.49 -24.85
N MET K 16 1.45 -7.64 -26.10
CA MET K 16 0.51 -6.71 -26.71
C MET K 16 -0.80 -6.64 -25.93
N GLU K 17 -1.24 -7.80 -25.44
CA GLU K 17 -2.42 -7.86 -24.61
C GLU K 17 -2.17 -7.20 -23.26
N ILE K 18 -0.95 -7.38 -22.75
CA ILE K 18 -0.57 -6.78 -21.47
C ILE K 18 -0.51 -5.27 -21.59
N GLN K 19 0.15 -4.79 -22.64
CA GLN K 19 0.30 -3.35 -22.87
C GLN K 19 -1.04 -2.68 -23.16
N LEU K 20 -1.96 -3.42 -23.78
CA LEU K 20 -3.28 -2.87 -24.04
C LEU K 20 -4.05 -2.74 -22.74
N LYS K 21 -3.89 -3.73 -21.87
CA LYS K 21 -4.52 -3.70 -20.55
C LYS K 21 -4.05 -2.48 -19.77
N ASP K 22 -2.75 -2.20 -19.87
CA ASP K 22 -2.15 -1.07 -19.18
C ASP K 22 -2.62 0.25 -19.77
N ALA K 23 -2.70 0.29 -21.09
CA ALA K 23 -3.11 1.49 -21.81
C ALA K 23 -4.54 1.89 -21.46
N LEU K 24 -5.47 0.94 -21.55
CA LEU K 24 -6.87 1.20 -21.25
C LEU K 24 -7.07 1.54 -19.77
N GLU K 25 -6.24 0.95 -18.92
CA GLU K 25 -6.31 1.23 -17.49
C GLU K 25 -5.95 2.69 -17.24
N LYS K 26 -4.82 3.11 -17.80
CA LYS K 26 -4.37 4.49 -17.64
C LYS K 26 -5.28 5.47 -18.37
N ASN K 27 -5.85 5.02 -19.49
CA ASN K 27 -6.81 5.81 -20.22
C ASN K 27 -8.05 6.13 -19.40
N GLN K 28 -8.45 5.19 -18.56
CA GLN K 28 -9.62 5.39 -17.70
C GLN K 28 -9.25 6.26 -16.51
N GLN K 29 -7.99 6.18 -16.08
CA GLN K 29 -7.50 7.02 -15.01
C GLN K 29 -7.40 8.47 -15.49
N TRP K 30 -7.10 8.63 -16.78
CA TRP K 30 -7.08 9.94 -17.41
C TRP K 30 -8.48 10.56 -17.41
N LEU K 31 -9.45 9.75 -17.80
CA LEU K 31 -10.84 10.19 -17.89
C LEU K 31 -11.40 10.72 -16.58
N VAL K 32 -11.29 9.93 -15.52
CA VAL K 32 -11.81 10.31 -14.21
C VAL K 32 -11.04 11.50 -13.62
N TYR K 33 -9.75 11.54 -13.90
CA TYR K 33 -8.91 12.66 -13.49
C TYR K 33 -9.39 13.92 -14.20
N ASP K 34 -9.69 13.80 -15.48
CA ASP K 34 -10.18 14.92 -16.27
C ASP K 34 -11.45 15.52 -15.69
N GLN K 35 -12.39 14.66 -15.30
CA GLN K 35 -13.65 15.13 -14.74
C GLN K 35 -13.40 15.89 -13.44
N GLN K 36 -12.49 15.38 -12.62
CA GLN K 36 -12.17 16.03 -11.35
C GLN K 36 -11.51 17.38 -11.59
N ARG K 37 -10.61 17.44 -12.56
CA ARG K 37 -9.92 18.67 -12.89
C ARG K 37 -10.88 19.73 -13.40
N GLU K 38 -11.84 19.32 -14.23
CA GLU K 38 -12.82 20.25 -14.78
C GLU K 38 -13.68 20.90 -13.69
N VAL K 39 -14.10 20.08 -12.73
CA VAL K 39 -14.84 20.59 -11.59
C VAL K 39 -13.98 21.58 -10.80
N TYR K 40 -12.68 21.33 -10.78
CA TYR K 40 -11.73 22.21 -10.12
C TYR K 40 -11.61 23.56 -10.82
N VAL K 41 -11.44 23.56 -12.13
CA VAL K 41 -11.29 24.80 -12.90
C VAL K 41 -12.54 25.68 -12.80
N LYS K 42 -13.70 25.03 -12.79
CA LYS K 42 -14.97 25.72 -12.57
C LYS K 42 -14.99 26.36 -11.19
N GLY K 43 -14.55 25.61 -10.19
CA GLY K 43 -14.49 26.11 -8.83
C GLY K 43 -13.63 27.35 -8.74
N LEU K 44 -12.51 27.34 -9.45
CA LEU K 44 -11.62 28.48 -9.50
C LEU K 44 -12.28 29.66 -10.23
N LEU K 45 -13.04 29.37 -11.28
CA LEU K 45 -13.73 30.42 -12.02
C LEU K 45 -14.81 31.06 -11.15
N ALA K 46 -15.52 30.23 -10.39
CA ALA K 46 -16.53 30.72 -9.47
C ALA K 46 -15.89 31.56 -8.37
N LYS K 47 -14.64 31.24 -8.06
CA LYS K 47 -13.89 31.99 -7.06
C LYS K 47 -13.55 33.37 -7.58
N ILE K 48 -13.02 33.42 -8.80
CA ILE K 48 -12.72 34.67 -9.48
C ILE K 48 -13.96 35.53 -9.62
N PHE K 49 -15.07 34.88 -9.95
CA PHE K 49 -16.33 35.57 -10.18
C PHE K 49 -16.83 36.31 -8.93
N GLU K 50 -16.38 35.86 -7.77
CA GLU K 50 -16.79 36.45 -6.51
C GLU K 50 -15.80 37.52 -6.03
N LEU K 51 -14.52 37.31 -6.30
CA LEU K 51 -13.51 38.29 -5.93
C LEU K 51 -13.68 39.55 -6.77
N GLU K 52 -14.20 39.37 -7.98
CA GLU K 52 -14.53 40.49 -8.86
C GLU K 52 -15.83 41.14 -8.40
N LYS K 53 -16.70 40.34 -7.79
CA LYS K 53 -18.03 40.76 -7.41
C LYS K 53 -18.06 41.61 -6.14
N LYS K 54 -17.04 41.46 -5.30
CA LYS K 54 -16.97 42.20 -4.04
C LYS K 54 -16.89 43.72 -4.24
N THR K 55 -15.87 44.17 -4.96
CA THR K 55 -15.73 45.58 -5.32
C THR K 55 -14.65 45.79 -6.37
N ASP L 1 -12.43 20.31 19.80
CA ASP L 1 -12.70 18.89 20.00
C ASP L 1 -11.46 18.02 19.73
N LEU L 2 -11.49 16.79 20.25
CA LEU L 2 -10.40 15.83 20.12
C LEU L 2 -10.22 15.29 18.71
N ALA L 3 -11.31 15.22 17.95
CA ALA L 3 -11.23 14.71 16.58
C ALA L 3 -10.87 15.81 15.58
N VAL L 4 -10.05 15.46 14.59
CA VAL L 4 -9.62 16.40 13.57
C VAL L 4 -10.09 15.93 12.19
N GLY L 5 -10.53 16.88 11.37
CA GLY L 5 -11.02 16.53 10.05
C GLY L 5 -10.12 16.98 8.91
N PRO L 6 -10.50 16.64 7.68
CA PRO L 6 -9.74 17.04 6.49
C PRO L 6 -9.80 18.55 6.28
N PRO L 7 -8.80 19.11 5.57
CA PRO L 7 -8.80 20.55 5.31
C PRO L 7 -9.88 20.92 4.32
N SER L 8 -10.29 19.94 3.51
CA SER L 8 -11.37 20.14 2.53
C SER L 8 -12.15 18.84 2.34
N LEU L 9 -13.00 18.82 1.32
CA LEU L 9 -13.76 17.63 0.98
C LEU L 9 -13.49 17.32 -0.48
N ASN L 10 -12.95 18.32 -1.17
CA ASN L 10 -12.51 18.19 -2.56
C ASN L 10 -11.00 18.29 -2.63
N TYR L 11 -10.41 17.68 -3.64
CA TYR L 11 -8.97 17.69 -3.78
C TYR L 11 -8.54 18.41 -5.06
N PRO L 12 -7.56 19.30 -4.96
CA PRO L 12 -6.83 19.66 -3.74
C PRO L 12 -7.60 20.57 -2.78
N GLY L 13 -8.66 21.22 -3.27
CA GLY L 13 -9.49 22.06 -2.43
C GLY L 13 -9.28 23.55 -2.63
N TYR L 14 -9.08 23.95 -3.88
CA TYR L 14 -8.99 25.35 -4.27
C TYR L 14 -7.88 26.12 -3.56
#